data_7BNH
#
_entry.id   7BNH
#
_cell.length_a   33.954
_cell.length_b   54.781
_cell.length_c   51.490
_cell.angle_alpha   90.000
_cell.angle_beta   92.400
_cell.angle_gamma   90.000
#
_symmetry.space_group_name_H-M   'P 1 21 1'
#
loop_
_entity.id
_entity.type
_entity.pdbx_description
1 polymer Lysostaphin
2 non-polymer 'BENZOIC ACID'
3 non-polymer GLYCEROL
4 non-polymer 'SULFATE ION'
5 non-polymer 'SODIUM ION'
6 non-polymer '2-(N-MORPHOLINO)-ETHANESULFONIC ACID'
7 water water
#
_entity_poly.entity_id   1
_entity_poly.type   'polypeptide(L)'
_entity_poly.pdbx_seq_one_letter_code
;SNATYKVDGKGTYYKAESASFTANYDIKTRLNGPFRSNPQSGVLHPGQTIKYDTVMKQDGHVWVVYTGYSGKRIYLPVRT
WDKNSNTLGPLWGIIN
;
_entity_poly.pdbx_strand_id   A,B
#
# COMPACT_ATOMS: atom_id res chain seq x y z
N SER A 1 -25.63 -1.15 2.32
CA SER A 1 -24.61 -1.93 1.61
C SER A 1 -24.83 -3.38 1.94
N ASN A 2 -24.10 -4.25 1.23
CA ASN A 2 -24.00 -5.65 1.65
C ASN A 2 -25.30 -6.42 1.59
N ALA A 3 -26.13 -6.13 0.59
CA ALA A 3 -27.35 -6.91 0.39
C ALA A 3 -27.06 -8.37 0.07
N THR A 4 -25.93 -8.67 -0.53
N THR A 4 -25.90 -8.66 -0.55
CA THR A 4 -25.66 -10.04 -0.93
CA THR A 4 -25.53 -10.03 -0.92
C THR A 4 -24.42 -10.60 -0.27
C THR A 4 -24.36 -10.58 -0.09
N TYR A 5 -23.87 -9.89 0.70
N TYR A 5 -23.76 -9.77 0.76
CA TYR A 5 -22.85 -10.41 1.59
CA TYR A 5 -22.68 -10.19 1.65
C TYR A 5 -23.52 -10.81 2.90
C TYR A 5 -23.26 -10.49 3.01
N LYS A 6 -22.84 -11.68 3.63
N LYS A 6 -22.86 -11.61 3.60
CA LYS A 6 -23.14 -11.92 5.03
CA LYS A 6 -23.14 -11.90 5.00
C LYS A 6 -22.08 -11.20 5.86
C LYS A 6 -22.05 -11.25 5.86
N VAL A 7 -22.25 -11.21 7.18
CA VAL A 7 -21.33 -10.53 8.08
C VAL A 7 -20.99 -11.44 9.25
N ASP A 8 -19.72 -11.45 9.64
CA ASP A 8 -19.27 -12.30 10.73
C ASP A 8 -19.17 -11.53 12.05
N GLY A 9 -18.67 -12.21 13.09
CA GLY A 9 -18.64 -11.61 14.41
C GLY A 9 -17.67 -10.46 14.58
N LYS A 10 -16.68 -10.35 13.69
CA LYS A 10 -15.78 -9.21 13.68
CA LYS A 10 -15.75 -9.22 13.66
C LYS A 10 -16.23 -8.13 12.74
N GLY A 11 -17.44 -8.25 12.18
CA GLY A 11 -17.93 -7.25 11.27
C GLY A 11 -17.39 -7.36 9.86
N THR A 12 -16.72 -8.46 9.52
CA THR A 12 -16.23 -8.69 8.18
C THR A 12 -17.37 -9.14 7.28
N TYR A 13 -17.53 -8.48 6.15
CA TYR A 13 -18.52 -8.90 5.15
C TYR A 13 -17.90 -9.98 4.28
N TYR A 14 -18.65 -11.03 3.94
CA TYR A 14 -18.08 -12.12 3.18
C TYR A 14 -19.11 -12.74 2.25
N LYS A 15 -18.63 -13.29 1.14
N LYS A 15 -18.60 -13.36 1.18
CA LYS A 15 -19.48 -14.12 0.29
CA LYS A 15 -19.41 -13.93 0.12
C LYS A 15 -18.61 -15.01 -0.57
C LYS A 15 -18.57 -15.02 -0.57
N ALA A 16 -19.19 -16.12 -0.96
CA ALA A 16 -18.50 -17.09 -1.79
C ALA A 16 -18.25 -16.51 -3.18
N GLU A 17 -17.05 -16.72 -3.69
CA GLU A 17 -16.66 -16.25 -5.03
C GLU A 17 -15.46 -17.07 -5.46
N SER A 18 -15.59 -17.75 -6.60
N SER A 18 -15.56 -17.73 -6.62
CA SER A 18 -14.55 -18.60 -7.16
CA SER A 18 -14.52 -18.62 -7.10
C SER A 18 -13.96 -17.92 -8.38
C SER A 18 -13.92 -18.08 -8.40
N ALA A 19 -12.68 -17.60 -8.32
CA ALA A 19 -11.99 -17.00 -9.46
C ALA A 19 -10.50 -17.07 -9.16
N SER A 20 -9.70 -16.64 -10.12
N SER A 20 -9.69 -16.62 -10.12
CA SER A 20 -8.28 -16.48 -9.92
CA SER A 20 -8.26 -16.49 -9.95
C SER A 20 -7.91 -15.00 -9.88
C SER A 20 -7.86 -15.02 -9.94
N PHE A 21 -6.77 -14.72 -9.24
CA PHE A 21 -6.25 -13.37 -9.14
C PHE A 21 -4.75 -13.42 -9.44
N THR A 22 -4.32 -12.60 -10.40
CA THR A 22 -2.92 -12.45 -10.77
C THR A 22 -2.45 -11.09 -10.24
N ALA A 23 -1.46 -11.11 -9.34
CA ALA A 23 -0.99 -9.87 -8.75
C ALA A 23 -0.22 -9.02 -9.76
N ASN A 24 -0.29 -7.70 -9.57
N ASN A 24 -0.31 -7.70 -9.60
CA ASN A 24 0.53 -6.77 -10.32
CA ASN A 24 0.54 -6.75 -10.31
C ASN A 24 1.50 -5.99 -9.43
C ASN A 24 1.61 -6.12 -9.44
N TYR A 25 1.51 -6.25 -8.12
CA TYR A 25 2.41 -5.64 -7.17
C TYR A 25 2.85 -6.72 -6.18
N ASP A 26 3.86 -6.38 -5.36
CA ASP A 26 4.16 -7.16 -4.16
CA ASP A 26 4.15 -7.17 -4.17
C ASP A 26 3.07 -6.88 -3.14
N ILE A 27 2.14 -7.83 -2.96
CA ILE A 27 1.00 -7.63 -2.06
C ILE A 27 1.18 -8.57 -0.87
N LYS A 28 1.19 -8.00 0.34
CA LYS A 28 1.37 -8.80 1.55
C LYS A 28 0.09 -9.57 1.87
N THR A 29 0.27 -10.86 2.17
CA THR A 29 -0.82 -11.74 2.57
C THR A 29 -0.76 -11.99 4.08
N ARG A 30 -1.93 -12.33 4.64
CA ARG A 30 -2.11 -12.45 6.08
C ARG A 30 -2.63 -13.83 6.46
N LEU A 31 -2.22 -14.25 7.65
CA LEU A 31 -2.83 -15.38 8.34
C LEU A 31 -4.07 -14.89 9.11
N ASN A 32 -4.93 -15.87 9.44
CA ASN A 32 -6.03 -15.74 10.41
C ASN A 32 -7.24 -14.99 9.90
N GLY A 33 -7.06 -13.86 9.23
CA GLY A 33 -8.19 -13.12 8.75
C GLY A 33 -7.74 -11.87 8.03
N PRO A 34 -8.73 -11.12 7.51
CA PRO A 34 -8.48 -9.97 6.61
C PRO A 34 -8.21 -8.67 7.37
N PHE A 35 -7.07 -8.68 8.09
CA PHE A 35 -6.59 -7.51 8.81
C PHE A 35 -5.08 -7.39 8.57
N ARG A 36 -4.64 -6.19 8.20
CA ARG A 36 -3.22 -5.94 7.99
C ARG A 36 -2.41 -6.11 9.27
N SER A 37 -3.05 -6.01 10.44
CA SER A 37 -2.37 -6.19 11.71
C SER A 37 -2.11 -7.66 12.04
N ASN A 38 -2.69 -8.59 11.29
CA ASN A 38 -2.49 -10.00 11.56
C ASN A 38 -1.08 -10.44 11.17
N PRO A 39 -0.65 -11.61 11.65
CA PRO A 39 0.65 -12.14 11.23
C PRO A 39 0.71 -12.30 9.72
N GLN A 40 1.88 -12.04 9.16
CA GLN A 40 2.05 -12.11 7.72
C GLN A 40 2.28 -13.56 7.28
N SER A 41 1.56 -13.95 6.21
CA SER A 41 1.83 -15.23 5.55
C SER A 41 2.98 -15.11 4.55
N GLY A 42 2.99 -14.04 3.76
CA GLY A 42 4.01 -13.84 2.75
C GLY A 42 3.59 -12.72 1.82
N VAL A 43 3.83 -12.93 0.54
CA VAL A 43 3.55 -11.94 -0.48
CA VAL A 43 3.53 -11.93 -0.49
C VAL A 43 3.18 -12.67 -1.77
N LEU A 44 2.31 -12.05 -2.56
CA LEU A 44 2.27 -12.37 -3.99
C LEU A 44 3.19 -11.37 -4.68
N HIS A 45 4.00 -11.86 -5.61
CA HIS A 45 4.79 -11.02 -6.48
C HIS A 45 4.07 -10.79 -7.80
N PRO A 46 4.43 -9.74 -8.54
CA PRO A 46 3.82 -9.50 -9.85
C PRO A 46 3.90 -10.71 -10.74
N GLY A 47 2.76 -11.05 -11.35
CA GLY A 47 2.65 -12.18 -12.25
C GLY A 47 2.27 -13.49 -11.58
N GLN A 48 2.23 -13.55 -10.26
CA GLN A 48 1.82 -14.76 -9.56
C GLN A 48 0.30 -14.80 -9.46
N THR A 49 -0.26 -16.01 -9.61
CA THR A 49 -1.70 -16.21 -9.68
C THR A 49 -2.14 -17.22 -8.63
N ILE A 50 -3.17 -16.88 -7.87
CA ILE A 50 -3.81 -17.80 -6.94
C ILE A 50 -5.27 -17.98 -7.32
N LYS A 51 -5.86 -19.08 -6.85
CA LYS A 51 -7.27 -19.38 -7.02
CA LYS A 51 -7.27 -19.38 -7.02
C LYS A 51 -7.94 -19.22 -5.66
N TYR A 52 -8.92 -18.33 -5.59
CA TYR A 52 -9.57 -18.01 -4.34
C TYR A 52 -11.01 -18.53 -4.32
N ASP A 53 -11.57 -18.60 -3.10
CA ASP A 53 -12.91 -19.17 -2.91
C ASP A 53 -13.90 -18.25 -2.17
N THR A 54 -13.42 -17.15 -1.58
CA THR A 54 -14.24 -16.26 -0.78
C THR A 54 -13.72 -14.85 -0.98
N VAL A 55 -14.65 -13.88 -1.01
CA VAL A 55 -14.31 -12.47 -1.02
CA VAL A 55 -14.33 -12.47 -1.04
C VAL A 55 -14.81 -11.86 0.28
N MET A 56 -14.01 -10.95 0.85
CA MET A 56 -14.31 -10.35 2.14
C MET A 56 -14.02 -8.86 2.09
N LYS A 57 -14.71 -8.11 2.95
CA LYS A 57 -14.49 -6.67 3.08
C LYS A 57 -14.24 -6.37 4.56
N GLN A 58 -13.05 -5.84 4.86
CA GLN A 58 -12.62 -5.56 6.22
C GLN A 58 -11.37 -4.69 6.14
N ASP A 59 -11.13 -3.91 7.19
CA ASP A 59 -9.86 -3.19 7.33
C ASP A 59 -9.53 -2.40 6.08
N GLY A 60 -10.52 -1.69 5.54
CA GLY A 60 -10.27 -0.76 4.45
C GLY A 60 -10.01 -1.38 3.10
N HIS A 61 -10.25 -2.69 2.92
CA HIS A 61 -9.91 -3.39 1.69
C HIS A 61 -10.95 -4.45 1.36
N VAL A 62 -10.95 -4.81 0.07
CA VAL A 62 -11.50 -6.10 -0.38
C VAL A 62 -10.36 -7.11 -0.33
N TRP A 63 -10.66 -8.29 0.18
CA TRP A 63 -9.71 -9.38 0.31
C TRP A 63 -10.29 -10.61 -0.40
N VAL A 64 -9.39 -11.48 -0.84
CA VAL A 64 -9.78 -12.80 -1.29
C VAL A 64 -9.05 -13.83 -0.43
N VAL A 65 -9.64 -15.02 -0.31
CA VAL A 65 -9.15 -16.04 0.61
C VAL A 65 -8.87 -17.32 -0.16
N TYR A 66 -7.72 -17.92 0.14
CA TYR A 66 -7.32 -19.17 -0.49
C TYR A 66 -6.61 -20.03 0.55
N THR A 67 -6.17 -21.21 0.12
CA THR A 67 -5.62 -22.21 1.02
C THR A 67 -4.18 -22.53 0.62
N GLY A 68 -3.27 -22.50 1.60
CA GLY A 68 -1.90 -22.88 1.36
C GLY A 68 -1.72 -24.40 1.28
N TYR A 69 -0.51 -24.81 0.89
CA TYR A 69 -0.19 -26.24 0.81
C TYR A 69 -0.51 -26.98 2.10
N SER A 70 -0.23 -26.36 3.23
CA SER A 70 -0.40 -27.00 4.53
C SER A 70 -1.85 -27.03 4.98
N GLY A 71 -2.75 -26.37 4.26
CA GLY A 71 -4.14 -26.26 4.64
C GLY A 71 -4.51 -24.94 5.29
N LYS A 72 -3.52 -24.12 5.61
CA LYS A 72 -3.82 -22.87 6.30
C LYS A 72 -4.55 -21.91 5.37
N ARG A 73 -5.38 -21.06 5.95
CA ARG A 73 -6.10 -20.05 5.20
C ARG A 73 -5.26 -18.79 5.08
N ILE A 74 -5.27 -18.21 3.88
CA ILE A 74 -4.44 -17.06 3.53
C ILE A 74 -5.35 -15.96 2.97
N TYR A 75 -5.14 -14.74 3.46
CA TYR A 75 -6.01 -13.59 3.16
C TYR A 75 -5.19 -12.56 2.39
N LEU A 76 -5.68 -12.21 1.19
CA LEU A 76 -4.94 -11.39 0.23
C LEU A 76 -5.76 -10.14 -0.08
N PRO A 77 -5.27 -8.94 0.26
CA PRO A 77 -6.01 -7.72 -0.09
C PRO A 77 -5.78 -7.40 -1.57
N VAL A 78 -6.85 -7.02 -2.28
CA VAL A 78 -6.77 -6.83 -3.73
C VAL A 78 -7.09 -5.41 -4.19
N ARG A 79 -7.68 -4.58 -3.34
CA ARG A 79 -8.03 -3.19 -3.67
C ARG A 79 -8.54 -2.54 -2.38
N THR A 80 -8.56 -1.21 -2.37
CA THR A 80 -9.17 -0.52 -1.25
C THR A 80 -10.70 -0.58 -1.32
N TRP A 81 -11.31 -0.35 -0.16
CA TRP A 81 -12.76 -0.36 0.01
C TRP A 81 -13.14 0.72 1.00
N ASP A 82 -14.10 1.55 0.64
N ASP A 82 -14.10 1.55 0.59
CA ASP A 82 -14.64 2.54 1.56
CA ASP A 82 -14.66 2.66 1.37
C ASP A 82 -16.01 2.07 2.04
C ASP A 82 -16.00 2.17 1.93
N LYS A 83 -16.09 1.72 3.32
N LYS A 83 -15.94 1.70 3.18
CA LYS A 83 -17.27 1.10 3.90
CA LYS A 83 -17.10 1.20 3.89
C LYS A 83 -18.46 2.06 3.92
C LYS A 83 -18.27 2.17 3.84
N ASN A 84 -18.23 3.33 4.19
N ASN A 84 -18.02 3.43 4.21
CA ASN A 84 -19.38 4.23 4.33
CA ASN A 84 -19.09 4.40 4.34
C ASN A 84 -19.95 4.68 2.99
C ASN A 84 -19.84 4.59 3.02
N SER A 85 -19.17 4.64 1.91
N SER A 85 -19.09 4.67 1.90
CA SER A 85 -19.67 5.00 0.59
CA SER A 85 -19.69 5.00 0.61
C SER A 85 -20.04 3.80 -0.28
C SER A 85 -20.10 3.78 -0.23
N ASN A 86 -19.60 2.59 0.11
CA ASN A 86 -19.78 1.39 -0.70
C ASN A 86 -19.12 1.54 -2.06
N THR A 87 -17.88 2.05 -2.07
CA THR A 87 -17.10 2.19 -3.28
C THR A 87 -15.75 1.48 -3.10
N LEU A 88 -15.10 1.20 -4.24
CA LEU A 88 -13.89 0.38 -4.30
C LEU A 88 -12.81 1.12 -5.07
N GLY A 89 -11.56 0.93 -4.64
CA GLY A 89 -10.42 1.40 -5.39
C GLY A 89 -10.09 0.45 -6.55
N PRO A 90 -9.11 0.85 -7.35
N PRO A 90 -9.13 0.86 -7.38
CA PRO A 90 -8.70 0.01 -8.49
CA PRO A 90 -8.73 0.00 -8.49
C PRO A 90 -8.03 -1.28 -8.02
C PRO A 90 -8.06 -1.28 -8.01
N LEU A 91 -8.26 -2.36 -8.79
CA LEU A 91 -7.63 -3.63 -8.48
C LEU A 91 -6.11 -3.54 -8.65
N TRP A 92 -5.41 -4.26 -7.76
CA TRP A 92 -3.96 -4.42 -7.78
C TRP A 92 -3.52 -5.67 -8.54
N GLY A 93 -4.40 -6.20 -9.39
CA GLY A 93 -4.09 -7.33 -10.22
C GLY A 93 -5.26 -7.58 -11.16
N ILE A 94 -5.23 -8.75 -11.78
CA ILE A 94 -6.20 -9.17 -12.79
C ILE A 94 -7.02 -10.31 -12.25
N ILE A 95 -8.34 -10.21 -12.35
N ILE A 95 -8.33 -10.24 -12.40
CA ILE A 95 -9.23 -11.32 -12.06
CA ILE A 95 -9.23 -11.33 -12.02
C ILE A 95 -9.39 -12.18 -13.31
C ILE A 95 -9.50 -12.19 -13.26
N ASN A 96 -9.19 -13.48 -13.16
CA ASN A 96 -9.27 -14.43 -14.28
C ASN A 96 -8.43 -13.99 -15.49
N SER B 1 13.37 2.03 -12.70
N SER B 1 13.47 2.03 -12.90
CA SER B 1 14.66 1.40 -12.49
CA SER B 1 14.68 1.34 -12.47
C SER B 1 15.50 2.24 -11.54
C SER B 1 15.46 2.23 -11.51
N ASN B 2 16.26 1.59 -10.65
CA ASN B 2 17.15 2.35 -9.76
C ASN B 2 18.12 3.19 -10.54
N ALA B 3 18.48 2.76 -11.75
CA ALA B 3 19.52 3.45 -12.51
C ALA B 3 19.15 4.87 -12.88
N THR B 4 17.87 5.23 -12.89
CA THR B 4 17.46 6.61 -13.19
C THR B 4 17.60 7.53 -11.99
N TYR B 5 17.89 6.98 -10.81
CA TYR B 5 18.03 7.76 -9.59
C TYR B 5 19.50 8.07 -9.34
N LYS B 6 19.73 9.20 -8.68
CA LYS B 6 21.02 9.49 -8.08
CA LYS B 6 21.02 9.47 -8.09
C LYS B 6 21.12 8.75 -6.74
N VAL B 7 22.30 8.75 -6.14
N VAL B 7 22.32 8.73 -6.17
CA VAL B 7 22.51 8.00 -4.91
CA VAL B 7 22.60 8.01 -4.93
C VAL B 7 23.33 8.84 -3.93
C VAL B 7 23.29 8.93 -3.94
N ASP B 8 22.92 8.84 -2.66
CA ASP B 8 23.62 9.60 -1.64
C ASP B 8 24.64 8.74 -0.91
N GLY B 9 25.28 9.34 0.10
CA GLY B 9 26.36 8.68 0.79
C GLY B 9 25.93 7.49 1.62
N LYS B 10 24.64 7.39 1.93
CA LYS B 10 24.09 6.25 2.66
CA LYS B 10 24.09 6.24 2.65
C LYS B 10 23.45 5.22 1.72
N GLY B 11 23.58 5.40 0.41
CA GLY B 11 22.98 4.47 -0.52
C GLY B 11 21.51 4.71 -0.81
N THR B 12 20.96 5.83 -0.35
CA THR B 12 19.59 6.19 -0.69
C THR B 12 19.53 6.64 -2.13
N TYR B 13 18.60 6.06 -2.90
CA TYR B 13 18.33 6.52 -4.24
C TYR B 13 17.39 7.72 -4.17
N TYR B 14 17.65 8.75 -4.98
CA TYR B 14 16.78 9.93 -4.95
C TYR B 14 16.72 10.57 -6.33
N LYS B 15 15.63 11.30 -6.57
CA LYS B 15 15.46 12.05 -7.80
CA LYS B 15 15.51 12.09 -7.78
C LYS B 15 14.45 13.17 -7.56
N ALA B 16 14.57 14.24 -8.34
CA ALA B 16 13.59 15.30 -8.32
C ALA B 16 12.34 14.86 -9.07
N GLU B 17 11.19 15.11 -8.47
CA GLU B 17 9.90 14.88 -9.09
C GLU B 17 8.87 15.69 -8.32
N SER B 18 8.07 16.46 -9.03
CA SER B 18 7.04 17.31 -8.41
CA SER B 18 7.05 17.31 -8.42
C SER B 18 5.67 16.74 -8.75
N ALA B 19 4.92 16.38 -7.71
CA ALA B 19 3.57 15.85 -7.90
C ALA B 19 2.82 15.97 -6.57
N SER B 20 1.54 15.64 -6.60
N SER B 20 1.58 15.52 -6.60
CA SER B 20 0.70 15.67 -5.41
CA SER B 20 0.63 15.63 -5.51
C SER B 20 0.20 14.27 -5.07
C SER B 20 0.22 14.22 -5.10
N PHE B 21 0.24 13.95 -3.78
CA PHE B 21 -0.08 12.63 -3.24
C PHE B 21 -1.17 12.78 -2.18
N THR B 22 -2.25 12.00 -2.32
CA THR B 22 -3.31 11.93 -1.32
C THR B 22 -3.23 10.56 -0.64
N ALA B 23 -3.14 10.55 0.69
CA ALA B 23 -3.03 9.30 1.42
C ALA B 23 -4.34 8.51 1.42
N ASN B 24 -4.23 7.18 1.35
CA ASN B 24 -5.37 6.30 1.56
C ASN B 24 -5.44 5.75 2.97
N TYR B 25 -4.32 5.79 3.70
CA TYR B 25 -4.16 5.17 5.01
C TYR B 25 -3.54 6.20 5.95
N ASP B 26 -3.58 5.93 7.26
CA ASP B 26 -2.69 6.60 8.19
CA ASP B 26 -2.69 6.61 8.17
C ASP B 26 -1.26 6.19 7.85
N ILE B 27 -0.40 7.17 7.62
CA ILE B 27 1.01 6.92 7.28
C ILE B 27 1.88 7.83 8.15
N LYS B 28 2.76 7.23 8.95
CA LYS B 28 3.66 8.03 9.79
C LYS B 28 4.76 8.65 8.93
N THR B 29 5.01 9.93 9.20
CA THR B 29 6.05 10.69 8.52
C THR B 29 7.27 10.83 9.42
N ARG B 30 8.43 11.01 8.78
CA ARG B 30 9.72 11.02 9.45
C ARG B 30 10.48 12.32 9.20
N LEU B 31 11.33 12.65 10.17
CA LEU B 31 12.32 13.71 10.03
C LEU B 31 13.66 13.10 9.66
N ASN B 32 14.54 13.96 9.13
CA ASN B 32 15.97 13.71 8.92
C ASN B 32 16.29 12.89 7.68
N GLY B 33 15.48 11.88 7.36
CA GLY B 33 15.75 11.07 6.20
C GLY B 33 14.77 9.92 6.10
N PRO B 34 14.87 9.16 5.01
CA PRO B 34 13.89 8.10 4.67
C PRO B 34 14.20 6.78 5.36
N PHE B 35 14.10 6.81 6.70
CA PHE B 35 14.24 5.62 7.53
C PHE B 35 13.13 5.65 8.57
N ARG B 36 12.43 4.54 8.73
CA ARG B 36 11.38 4.47 9.73
C ARG B 36 11.91 4.56 11.16
N SER B 37 13.20 4.29 11.36
CA SER B 37 13.82 4.43 12.68
C SER B 37 14.08 5.89 13.05
N ASN B 38 13.92 6.82 12.13
CA ASN B 38 14.17 8.23 12.42
C ASN B 38 13.05 8.81 13.26
N PRO B 39 13.26 9.99 13.82
CA PRO B 39 12.20 10.63 14.62
C PRO B 39 10.94 10.85 13.79
N GLN B 40 9.81 10.73 14.45
CA GLN B 40 8.53 10.89 13.79
C GLN B 40 8.17 12.36 13.71
N SER B 41 7.82 12.83 12.51
CA SER B 41 7.26 14.17 12.33
C SER B 41 5.78 14.19 12.72
N GLY B 42 5.03 13.18 12.26
CA GLY B 42 3.62 13.09 12.51
C GLY B 42 3.00 12.03 11.63
N VAL B 43 1.91 12.38 10.96
CA VAL B 43 1.12 11.40 10.23
C VAL B 43 0.35 12.11 9.14
N LEU B 44 0.19 11.42 8.01
N LEU B 44 0.11 11.40 8.03
CA LEU B 44 -0.88 11.77 7.09
CA LEU B 44 -0.80 11.83 6.98
C LEU B 44 -2.06 10.88 7.38
C LEU B 44 -2.02 10.92 7.05
N HIS B 45 -3.21 11.49 7.38
CA HIS B 45 -4.46 10.73 7.51
C HIS B 45 -5.10 10.54 6.14
N PRO B 46 -5.98 9.55 6.02
CA PRO B 46 -6.67 9.34 4.74
C PRO B 46 -7.33 10.62 4.24
N GLY B 47 -7.16 10.89 2.95
CA GLY B 47 -7.74 12.05 2.33
C GLY B 47 -6.90 13.30 2.40
N GLN B 48 -5.80 13.30 3.18
CA GLN B 48 -4.91 14.45 3.22
C GLN B 48 -3.94 14.39 2.05
N THR B 49 -3.65 15.56 1.50
CA THR B 49 -2.87 15.70 0.28
C THR B 49 -1.68 16.61 0.54
N ILE B 50 -0.51 16.17 0.07
CA ILE B 50 0.71 16.96 0.11
C ILE B 50 1.29 17.05 -1.30
N LYS B 51 2.08 18.10 -1.51
N LYS B 51 2.13 18.07 -1.49
CA LYS B 51 2.83 18.29 -2.74
CA LYS B 51 2.84 18.29 -2.76
C LYS B 51 4.30 17.99 -2.42
C LYS B 51 4.32 18.06 -2.52
N TYR B 52 4.87 17.03 -3.13
CA TYR B 52 6.24 16.62 -2.89
C TYR B 52 7.16 17.09 -4.02
N ASP B 53 8.46 17.09 -3.74
CA ASP B 53 9.45 17.55 -4.70
C ASP B 53 10.58 16.56 -4.98
N THR B 54 10.66 15.47 -4.22
CA THR B 54 11.73 14.49 -4.35
C THR B 54 11.12 13.12 -4.04
N VAL B 55 11.61 12.10 -4.76
CA VAL B 55 11.28 10.70 -4.51
CA VAL B 55 11.28 10.72 -4.45
C VAL B 55 12.56 10.00 -4.07
N MET B 56 12.46 9.15 -3.05
CA MET B 56 13.60 8.40 -2.55
C MET B 56 13.26 6.94 -2.39
N LYS B 57 14.28 6.07 -2.45
CA LYS B 57 14.11 4.64 -2.20
CA LYS B 57 14.11 4.64 -2.20
C LYS B 57 15.16 4.23 -1.19
N GLN B 58 14.68 3.74 -0.03
CA GLN B 58 15.53 3.39 1.10
C GLN B 58 14.65 2.65 2.11
N ASP B 59 15.29 1.86 2.96
CA ASP B 59 14.59 1.24 4.08
C ASP B 59 13.33 0.50 3.63
N GLY B 60 13.44 -0.23 2.53
CA GLY B 60 12.36 -1.10 2.10
C GLY B 60 11.15 -0.41 1.52
N HIS B 61 11.26 0.89 1.22
CA HIS B 61 10.10 1.68 0.79
C HIS B 61 10.53 2.70 -0.26
N VAL B 62 9.52 3.14 -1.04
CA VAL B 62 9.61 4.39 -1.77
C VAL B 62 9.05 5.47 -0.84
N TRP B 63 9.67 6.64 -0.88
CA TRP B 63 9.31 7.78 -0.06
C TRP B 63 9.16 9.01 -0.97
N VAL B 64 8.36 9.97 -0.51
CA VAL B 64 8.35 11.29 -1.10
C VAL B 64 8.70 12.30 -0.02
N VAL B 65 9.25 13.43 -0.44
CA VAL B 65 9.79 14.42 0.49
C VAL B 65 9.16 15.76 0.18
N TYR B 66 8.92 16.54 1.22
N TYR B 66 8.60 16.38 1.23
CA TYR B 66 8.46 17.90 1.02
CA TYR B 66 7.87 17.64 1.15
C TYR B 66 8.90 18.73 2.22
C TYR B 66 8.28 18.54 2.30
N THR B 67 8.71 20.05 2.10
N THR B 67 7.80 19.79 2.27
CA THR B 67 8.96 20.96 3.21
CA THR B 67 8.19 20.79 3.25
C THR B 67 7.63 21.25 3.88
C THR B 67 7.02 21.06 4.19
N GLY B 68 7.59 21.05 5.20
N GLY B 68 7.28 20.96 5.49
CA GLY B 68 6.37 21.21 5.97
CA GLY B 68 6.31 21.30 6.52
C GLY B 68 6.03 22.67 6.25
C GLY B 68 6.49 22.71 7.02
N TYR B 69 4.99 22.85 7.05
N TYR B 69 6.13 22.93 8.29
CA TYR B 69 4.52 24.19 7.39
CA TYR B 69 6.25 24.25 8.88
C TYR B 69 5.53 24.99 8.20
C TYR B 69 7.70 24.71 8.87
N SER B 70 6.50 24.31 8.83
N SER B 70 7.89 26.02 8.67
CA SER B 70 7.50 24.96 9.69
CA SER B 70 9.19 26.69 8.81
C SER B 70 8.89 24.95 9.07
C SER B 70 10.31 25.89 8.16
N GLY B 71 9.00 24.66 7.77
N GLY B 71 10.07 25.48 6.93
CA GLY B 71 10.25 24.75 7.07
CA GLY B 71 11.13 24.87 6.12
C GLY B 71 11.09 23.50 7.06
C GLY B 71 11.74 23.62 6.72
N LYS B 72 10.70 22.47 7.81
N LYS B 72 10.92 22.71 7.23
CA LYS B 72 11.48 21.25 7.92
CA LYS B 72 11.37 21.41 7.70
C LYS B 72 11.11 20.28 6.81
C LYS B 72 11.15 20.39 6.61
N ARG B 73 12.10 19.48 6.41
CA ARG B 73 11.92 18.43 5.43
C ARG B 73 11.26 17.22 6.06
N ILE B 74 10.19 16.75 5.42
CA ILE B 74 9.38 15.65 5.93
CA ILE B 74 9.35 15.66 5.93
C ILE B 74 9.40 14.52 4.92
N TYR B 75 9.65 13.30 5.41
CA TYR B 75 9.84 12.11 4.61
C TYR B 75 8.64 11.18 4.82
N LEU B 76 7.91 10.92 3.73
CA LEU B 76 6.65 10.18 3.76
C LEU B 76 6.82 8.88 2.99
N PRO B 77 6.74 7.70 3.64
CA PRO B 77 6.79 6.46 2.88
C PRO B 77 5.46 6.26 2.17
N VAL B 78 5.51 5.73 0.93
CA VAL B 78 4.30 5.62 0.12
C VAL B 78 4.02 4.22 -0.42
N ARG B 79 4.98 3.29 -0.34
CA ARG B 79 4.77 1.90 -0.77
C ARG B 79 6.03 1.12 -0.43
N THR B 80 5.93 -0.21 -0.46
CA THR B 80 7.14 -1.02 -0.31
C THR B 80 7.95 -1.05 -1.60
N TRP B 81 9.24 -1.32 -1.42
CA TRP B 81 10.23 -1.43 -2.48
C TRP B 81 11.21 -2.52 -2.11
N ASP B 82 11.37 -3.51 -2.99
N ASP B 82 11.43 -3.48 -3.00
CA ASP B 82 12.35 -4.59 -2.83
CA ASP B 82 12.40 -4.54 -2.76
C ASP B 82 13.70 -4.12 -3.32
C ASP B 82 13.74 -4.11 -3.34
N LYS B 83 14.66 -3.99 -2.40
N LYS B 83 14.73 -3.89 -2.47
CA LYS B 83 15.95 -3.40 -2.73
CA LYS B 83 16.03 -3.40 -2.89
C LYS B 83 16.78 -4.24 -3.66
C LYS B 83 16.80 -4.38 -3.75
N ASN B 84 16.43 -5.51 -3.87
N ASN B 84 16.36 -5.64 -3.81
CA ASN B 84 17.19 -6.37 -4.76
CA ASN B 84 17.06 -6.67 -4.57
C ASN B 84 16.56 -6.54 -6.12
C ASN B 84 16.52 -6.86 -5.98
N SER B 85 15.24 -6.56 -6.21
CA SER B 85 14.58 -6.81 -7.50
C SER B 85 13.84 -5.60 -8.06
N ASN B 86 13.66 -4.56 -7.26
CA ASN B 86 12.93 -3.35 -7.63
C ASN B 86 11.43 -3.57 -7.74
N THR B 87 10.89 -4.68 -7.27
CA THR B 87 9.45 -4.82 -7.28
CA THR B 87 9.45 -4.82 -7.28
C THR B 87 8.83 -3.88 -6.23
N LEU B 88 7.67 -3.33 -6.58
CA LEU B 88 6.97 -2.35 -5.76
C LEU B 88 5.67 -2.93 -5.19
N GLY B 89 5.31 -2.48 -4.00
CA GLY B 89 4.00 -2.74 -3.45
C GLY B 89 2.96 -1.78 -3.99
N PRO B 90 1.70 -2.03 -3.67
N PRO B 90 1.68 -2.05 -3.69
CA PRO B 90 0.64 -1.09 -4.06
CA PRO B 90 0.64 -1.08 -4.05
C PRO B 90 0.87 0.26 -3.39
C PRO B 90 0.93 0.27 -3.41
N LEU B 91 0.57 1.33 -4.12
CA LEU B 91 0.74 2.68 -3.59
C LEU B 91 -0.27 2.92 -2.45
N TRP B 92 0.19 3.59 -1.39
CA TRP B 92 -0.61 3.86 -0.20
C TRP B 92 -1.49 5.12 -0.33
N GLY B 93 -1.87 5.44 -1.56
CA GLY B 93 -2.60 6.65 -1.84
C GLY B 93 -2.70 6.83 -3.35
N ILE B 94 -2.95 8.08 -3.75
N ILE B 94 -2.96 8.08 -3.74
CA ILE B 94 -3.22 8.46 -5.13
CA ILE B 94 -3.30 8.46 -5.11
C ILE B 94 -2.21 9.53 -5.54
C ILE B 94 -2.40 9.62 -5.51
N ILE B 95 -1.64 9.38 -6.75
N ILE B 95 -1.67 9.47 -6.62
CA ILE B 95 -0.93 10.49 -7.42
CA ILE B 95 -0.89 10.56 -7.19
C ILE B 95 -1.95 11.24 -8.23
C ILE B 95 -1.78 11.27 -8.22
N ASN B 96 -2.14 12.51 -7.91
CA ASN B 96 -3.18 13.25 -8.60
C ASN B 96 -2.82 13.75 -9.99
#